data_8J5E
#
_entry.id   8J5E
#
_cell.length_a   70.642
_cell.length_b   78.108
_cell.length_c   84.089
_cell.angle_alpha   90.000
_cell.angle_beta   90.000
_cell.angle_gamma   90.000
#
_symmetry.space_group_name_H-M   'C 2 2 21'
#
loop_
_entity.id
_entity.type
_entity.pdbx_description
1 polymer 'Deoxyadenosine/deoxycytidine kinase'
2 non-polymer 4-azanyl-1-[(2~{R},3~{R},4~{S},5~{R})-5-(hydroxymethyl)-3,4-bis(oxidanyl)thiolan-2-yl]pyrimidin-2-one
3 water water
#
_entity_poly.entity_id   1
_entity_poly.type   'polypeptide(L)'
_entity_poly.pdbx_seq_one_letter_code
;STSDRLKAVEQNLYDVGPRDSGGREGPGHYIAISGNTAAGKTTLIETLAGSLRAAGADAVGVSERVFHHRYLKLMFSASA
DFAFPIQLSFMLERHLLLLDNLVRRGRTMVMERSHLDDAMFVREHVASGAITAAQQRAYTEVSGELNARIPNPDLIVLMN
PEPELSLERLARAEAEGSRPREFPSDAAKRAWVHRWYDLYQELHDDYRRRAVDGDLRGTELLELDAAASPEEKIATVTAR
ARSLVVG
;
_entity_poly.pdbx_strand_id   A
#
loop_
_chem_comp.id
_chem_comp.type
_chem_comp.name
_chem_comp.formula
TQR non-polymer 4-azanyl-1-[(2~{R},3~{R},4~{S},5~{R})-5-(hydroxymethyl)-3,4-bis(oxidanyl)thiolan-2-yl]pyrimidin-2-one 'C9 H13 N3 O4 S'
#
# COMPACT_ATOMS: atom_id res chain seq x y z
N GLU A 10 0.66 20.04 4.57
CA GLU A 10 2.05 20.21 4.12
C GLU A 10 2.24 19.61 2.74
N GLN A 11 1.74 18.39 2.55
CA GLN A 11 1.74 17.76 1.24
C GLN A 11 0.50 18.08 0.43
N ASN A 12 -0.41 18.91 0.97
CA ASN A 12 -1.61 19.35 0.27
C ASN A 12 -2.44 18.18 -0.25
N LEU A 13 -2.56 17.14 0.57
CA LEU A 13 -3.28 15.94 0.13
C LEU A 13 -4.78 16.16 0.02
N TYR A 14 -5.33 17.17 0.70
CA TYR A 14 -6.79 17.26 0.72
C TYR A 14 -7.28 18.61 0.19
N ASP A 15 -6.81 19.00 -1.00
CA ASP A 15 -7.15 20.29 -1.59
C ASP A 15 -8.30 20.10 -2.59
N VAL A 16 -9.46 20.69 -2.28
CA VAL A 16 -10.64 20.54 -3.14
C VAL A 16 -10.74 21.66 -4.17
N GLY A 17 -9.73 22.52 -4.27
CA GLY A 17 -9.74 23.56 -5.27
C GLY A 17 -9.51 22.98 -6.66
N PRO A 18 -9.58 23.84 -7.67
CA PRO A 18 -9.37 23.38 -9.05
C PRO A 18 -7.94 22.89 -9.27
N ARG A 19 -7.81 22.03 -10.29
CA ARG A 19 -6.49 21.55 -10.68
C ARG A 19 -5.58 22.71 -11.03
N ASP A 20 -4.34 22.65 -10.56
CA ASP A 20 -3.35 23.68 -10.83
C ASP A 20 -2.17 23.11 -11.60
N SER A 21 -2.44 22.53 -12.76
CA SER A 21 -1.40 21.90 -13.57
C SER A 21 -0.71 22.92 -14.46
N GLU A 25 -2.61 17.89 -18.39
CA GLU A 25 -3.90 17.22 -18.22
C GLU A 25 -3.72 15.72 -18.03
N GLY A 26 -4.79 15.04 -17.63
CA GLY A 26 -4.74 13.61 -17.35
C GLY A 26 -4.21 13.32 -15.96
N PRO A 27 -4.21 12.04 -15.58
CA PRO A 27 -3.67 11.67 -14.25
C PRO A 27 -2.16 11.81 -14.21
N GLY A 28 -1.63 11.79 -13.00
CA GLY A 28 -0.20 11.84 -12.78
C GLY A 28 0.44 10.46 -12.88
N HIS A 29 1.55 10.27 -12.18
CA HIS A 29 2.20 8.97 -12.17
C HIS A 29 1.99 8.28 -10.84
N TYR A 30 1.94 6.95 -10.90
CA TYR A 30 1.50 6.14 -9.76
C TYR A 30 2.56 5.06 -9.51
N ILE A 31 3.33 5.19 -8.43
CA ILE A 31 4.39 4.25 -8.06
C ILE A 31 3.96 3.60 -6.76
N ALA A 32 4.05 2.27 -6.68
CA ALA A 32 3.61 1.58 -5.47
C ALA A 32 4.62 0.53 -5.06
N ILE A 33 4.87 0.47 -3.75
CA ILE A 33 5.53 -0.67 -3.13
C ILE A 33 4.48 -1.75 -2.88
N SER A 34 4.87 -3.02 -2.99
CA SER A 34 3.98 -4.13 -2.68
C SER A 34 4.73 -5.14 -1.81
N GLY A 35 4.29 -5.29 -0.57
CA GLY A 35 4.88 -6.28 0.30
C GLY A 35 4.37 -6.09 1.72
N ASN A 36 4.79 -7.00 2.60
CA ASN A 36 4.32 -6.98 3.99
C ASN A 36 5.14 -5.99 4.80
N THR A 37 4.95 -4.71 4.50
CA THR A 37 5.66 -3.62 5.16
C THR A 37 4.96 -3.24 6.48
N ALA A 38 4.85 -4.22 7.38
CA ALA A 38 4.07 -4.04 8.61
C ALA A 38 4.67 -2.98 9.52
N ALA A 39 5.98 -2.75 9.42
CA ALA A 39 6.63 -1.68 10.17
C ALA A 39 6.79 -0.41 9.34
N GLY A 40 6.31 -0.40 8.11
CA GLY A 40 6.40 0.77 7.25
C GLY A 40 7.72 0.86 6.50
N LYS A 41 7.69 1.60 5.39
CA LYS A 41 8.87 1.90 4.59
C LYS A 41 8.99 3.41 4.40
N THR A 42 8.86 4.16 5.50
CA THR A 42 8.62 5.60 5.40
C THR A 42 9.85 6.34 4.86
N THR A 43 11.05 5.92 5.25
CA THR A 43 12.26 6.54 4.68
C THR A 43 12.36 6.30 3.18
N LEU A 44 12.03 5.09 2.72
CA LEU A 44 12.13 4.82 1.29
C LEU A 44 11.11 5.62 0.50
N ILE A 45 9.86 5.63 0.98
CA ILE A 45 8.79 6.37 0.32
C ILE A 45 9.13 7.85 0.25
N GLU A 46 9.56 8.43 1.38
CA GLU A 46 9.83 9.86 1.42
C GLU A 46 11.04 10.22 0.59
N THR A 47 12.08 9.38 0.63
CA THR A 47 13.27 9.66 -0.17
C THR A 47 12.95 9.59 -1.66
N LEU A 48 12.18 8.59 -2.06
CA LEU A 48 11.81 8.44 -3.47
C LEU A 48 10.97 9.63 -3.95
N ALA A 49 9.95 10.00 -3.17
CA ALA A 49 9.16 11.18 -3.51
C ALA A 49 10.04 12.42 -3.64
N GLY A 50 11.00 12.58 -2.73
CA GLY A 50 11.91 13.72 -2.81
C GLY A 50 12.73 13.72 -4.08
N SER A 51 13.19 12.55 -4.50
CA SER A 51 13.95 12.46 -5.75
C SER A 51 13.08 12.81 -6.95
N LEU A 52 11.78 12.49 -6.91
CA LEU A 52 10.91 12.88 -8.01
C LEU A 52 10.63 14.38 -8.00
N ARG A 53 10.51 14.98 -6.81
CA ARG A 53 10.37 16.45 -6.72
C ARG A 53 11.61 17.14 -7.26
N ALA A 54 12.79 16.61 -6.96
CA ALA A 54 14.03 17.16 -7.49
C ALA A 54 14.00 17.17 -9.01
N ALA A 55 13.46 16.12 -9.62
CA ALA A 55 13.35 16.06 -11.08
C ALA A 55 12.25 16.94 -11.64
N GLY A 56 11.45 17.57 -10.77
CA GLY A 56 10.44 18.50 -11.23
C GLY A 56 9.01 18.02 -11.16
N ALA A 57 8.74 16.89 -10.52
CA ALA A 57 7.38 16.41 -10.36
C ALA A 57 6.78 16.93 -9.06
N ASP A 58 5.48 17.16 -9.08
CA ASP A 58 4.74 17.40 -7.85
C ASP A 58 4.46 16.03 -7.23
N ALA A 59 5.40 15.55 -6.41
CA ALA A 59 5.37 14.18 -5.92
C ALA A 59 5.17 14.13 -4.42
N VAL A 60 4.32 13.20 -3.98
CA VAL A 60 4.03 12.99 -2.57
C VAL A 60 4.22 11.53 -2.22
N GLY A 61 4.84 11.28 -1.08
CA GLY A 61 4.97 9.93 -0.54
C GLY A 61 3.89 9.71 0.51
N VAL A 62 3.14 8.63 0.36
CA VAL A 62 1.98 8.37 1.22
C VAL A 62 2.19 7.03 1.93
N SER A 63 2.46 7.09 3.23
CA SER A 63 2.55 5.85 3.99
C SER A 63 1.16 5.42 4.45
N GLU A 64 1.06 4.18 4.93
CA GLU A 64 -0.22 3.68 5.40
C GLU A 64 -0.71 4.44 6.61
N ARG A 65 0.20 5.03 7.40
CA ARG A 65 -0.23 5.77 8.58
C ARG A 65 -1.06 7.00 8.24
N VAL A 66 -1.17 7.37 6.96
CA VAL A 66 -2.17 8.34 6.53
C VAL A 66 -3.57 7.73 6.56
N PHE A 67 -3.70 6.42 6.31
CA PHE A 67 -5.01 5.78 6.19
C PHE A 67 -5.48 5.04 7.44
N HIS A 68 -4.66 4.95 8.48
CA HIS A 68 -5.10 4.16 9.61
C HIS A 68 -6.28 4.86 10.29
N HIS A 69 -7.40 4.17 10.38
CA HIS A 69 -8.55 4.74 11.05
C HIS A 69 -8.24 4.93 12.53
N ARG A 70 -8.89 5.92 13.12
CA ARG A 70 -8.78 6.07 14.56
C ARG A 70 -9.18 4.82 15.32
N TYR A 71 -10.01 3.96 14.73
CA TYR A 71 -10.43 2.72 15.37
C TYR A 71 -9.54 1.51 15.01
N LEU A 72 -8.36 1.75 14.43
CA LEU A 72 -7.52 0.67 13.89
C LEU A 72 -7.33 -0.49 14.88
N LYS A 73 -7.02 -0.17 16.14
CA LYS A 73 -6.72 -1.25 17.10
C LYS A 73 -7.87 -2.23 17.21
N LEU A 74 -9.11 -1.78 17.05
CA LEU A 74 -10.25 -2.67 17.21
C LEU A 74 -10.33 -3.72 16.11
N MET A 75 -9.62 -3.52 14.98
CA MET A 75 -9.73 -4.55 13.96
C MET A 75 -8.97 -5.79 14.42
N PHE A 76 -8.04 -5.62 15.36
CA PHE A 76 -7.25 -6.71 15.89
C PHE A 76 -7.69 -7.15 17.28
N SER A 77 -8.33 -6.27 18.06
CA SER A 77 -8.81 -6.68 19.38
C SER A 77 -10.29 -7.05 19.39
N ALA A 78 -11.05 -6.61 18.39
CA ALA A 78 -12.47 -6.90 18.26
C ALA A 78 -12.78 -7.22 16.80
N SER A 79 -11.99 -8.13 16.23
CA SER A 79 -11.97 -8.37 14.80
C SER A 79 -13.34 -8.77 14.26
N ALA A 80 -14.08 -9.61 15.01
CA ALA A 80 -15.36 -10.09 14.52
C ALA A 80 -16.35 -8.95 14.27
N ASP A 81 -16.17 -7.84 14.97
CA ASP A 81 -17.04 -6.67 14.83
C ASP A 81 -16.46 -5.60 13.92
N PHE A 82 -15.14 -5.38 13.98
CA PHE A 82 -14.58 -4.19 13.34
C PHE A 82 -13.75 -4.47 12.09
N ALA A 83 -13.36 -5.71 11.83
CA ALA A 83 -12.49 -5.94 10.69
C ALA A 83 -13.16 -5.56 9.37
N PHE A 84 -14.46 -5.87 9.20
CA PHE A 84 -15.15 -5.52 7.96
C PHE A 84 -15.21 -4.01 7.73
N PRO A 85 -15.74 -3.20 8.65
CA PRO A 85 -15.80 -1.76 8.37
C PRO A 85 -14.42 -1.12 8.30
N ILE A 86 -13.45 -1.60 9.08
CA ILE A 86 -12.12 -0.99 9.00
C ILE A 86 -11.45 -1.35 7.68
N GLN A 87 -11.67 -2.57 7.17
CA GLN A 87 -11.15 -2.87 5.83
C GLN A 87 -11.83 -2.00 4.77
N LEU A 88 -13.14 -1.79 4.89
CA LEU A 88 -13.81 -0.88 3.96
C LEU A 88 -13.18 0.50 4.02
N SER A 89 -12.79 0.94 5.22
CA SER A 89 -12.18 2.25 5.38
C SER A 89 -10.83 2.36 4.69
N PHE A 90 -9.96 1.34 4.82
CA PHE A 90 -8.68 1.38 4.13
C PHE A 90 -8.89 1.55 2.63
N MET A 91 -9.75 0.70 2.05
CA MET A 91 -10.05 0.78 0.63
C MET A 91 -10.56 2.15 0.25
N LEU A 92 -11.53 2.66 1.02
CA LEU A 92 -12.22 3.89 0.63
C LEU A 92 -11.31 5.10 0.76
N GLU A 93 -10.55 5.19 1.86
CA GLU A 93 -9.70 6.36 2.02
C GLU A 93 -8.58 6.36 0.99
N ARG A 94 -8.04 5.18 0.69
CA ARG A 94 -7.02 5.09 -0.36
C ARG A 94 -7.62 5.48 -1.69
N HIS A 95 -8.83 5.00 -1.97
CA HIS A 95 -9.48 5.34 -3.23
C HIS A 95 -9.64 6.84 -3.38
N LEU A 96 -10.16 7.52 -2.34
CA LEU A 96 -10.42 8.95 -2.46
C LEU A 96 -9.12 9.74 -2.60
N LEU A 97 -8.08 9.34 -1.85
CA LEU A 97 -6.79 10.02 -1.98
C LEU A 97 -6.25 9.92 -3.40
N LEU A 98 -6.35 8.73 -4.02
CA LEU A 98 -5.87 8.55 -5.39
C LEU A 98 -6.77 9.28 -6.37
N LEU A 99 -8.09 9.19 -6.17
CA LEU A 99 -9.01 9.80 -7.12
C LEU A 99 -8.81 11.31 -7.18
N ASP A 100 -8.52 11.92 -6.03
CA ASP A 100 -8.28 13.37 -6.02
C ASP A 100 -6.86 13.73 -6.46
N ASN A 101 -5.86 13.16 -5.80
CA ASN A 101 -4.49 13.61 -6.06
C ASN A 101 -3.95 13.12 -7.39
N LEU A 102 -4.16 11.84 -7.70
CA LEU A 102 -3.61 11.28 -8.92
C LEU A 102 -4.48 11.61 -10.13
N VAL A 103 -5.76 11.27 -10.06
CA VAL A 103 -6.63 11.39 -11.23
C VAL A 103 -7.06 12.85 -11.44
N ARG A 104 -7.69 13.45 -10.43
CA ARG A 104 -8.25 14.78 -10.61
C ARG A 104 -7.17 15.85 -10.72
N ARG A 105 -6.14 15.79 -9.86
CA ARG A 105 -5.14 16.85 -9.81
C ARG A 105 -3.85 16.51 -10.54
N GLY A 106 -3.73 15.30 -11.07
CA GLY A 106 -2.57 14.94 -11.89
C GLY A 106 -1.24 14.91 -11.15
N ARG A 107 -1.24 14.62 -9.85
CA ARG A 107 0.00 14.61 -9.09
C ARG A 107 0.65 13.23 -9.17
N THR A 108 1.89 13.17 -8.73
CA THR A 108 2.65 11.92 -8.72
C THR A 108 2.66 11.36 -7.31
N MET A 109 2.20 10.11 -7.18
CA MET A 109 2.02 9.51 -5.88
C MET A 109 2.96 8.33 -5.73
N VAL A 110 3.71 8.31 -4.64
CA VAL A 110 4.53 7.16 -4.27
C VAL A 110 3.85 6.51 -3.08
N MET A 111 3.23 5.35 -3.31
CA MET A 111 2.40 4.72 -2.26
C MET A 111 3.12 3.56 -1.59
N GLU A 112 2.97 3.48 -0.26
CA GLU A 112 3.42 2.30 0.45
C GLU A 112 2.64 1.07 0.02
N ARG A 113 1.38 1.26 -0.36
CA ARG A 113 0.51 0.18 -0.79
C ARG A 113 -0.49 0.68 -1.81
N SER A 114 -0.68 -0.08 -2.90
CA SER A 114 -1.63 0.30 -3.94
C SER A 114 -3.03 -0.21 -3.63
N HIS A 115 -3.99 0.27 -4.41
CA HIS A 115 -5.37 -0.18 -4.28
C HIS A 115 -5.55 -1.65 -4.67
N LEU A 116 -4.56 -2.28 -5.34
CA LEU A 116 -4.69 -3.67 -5.72
C LEU A 116 -4.49 -4.64 -4.56
N ASP A 117 -3.88 -4.17 -3.47
CA ASP A 117 -3.45 -5.09 -2.42
C ASP A 117 -4.41 -5.16 -1.23
N ASP A 118 -5.40 -4.26 -1.14
CA ASP A 118 -6.27 -4.27 0.04
C ASP A 118 -7.09 -5.55 0.14
N ALA A 119 -7.47 -6.14 -1.00
CA ALA A 119 -8.34 -7.31 -0.95
C ALA A 119 -7.68 -8.48 -0.23
N MET A 120 -6.35 -8.56 -0.28
CA MET A 120 -5.59 -9.60 0.41
C MET A 120 -5.84 -9.55 1.90
N PHE A 121 -6.02 -8.36 2.45
CA PHE A 121 -6.22 -8.22 3.89
C PHE A 121 -7.63 -8.60 4.30
N VAL A 122 -8.59 -8.43 3.40
CA VAL A 122 -9.91 -9.01 3.60
C VAL A 122 -9.84 -10.53 3.57
N ARG A 123 -9.08 -11.09 2.63
CA ARG A 123 -8.96 -12.55 2.55
C ARG A 123 -8.42 -13.13 3.85
N GLU A 124 -7.47 -12.44 4.49
CA GLU A 124 -6.95 -12.91 5.76
C GLU A 124 -8.05 -12.99 6.81
N HIS A 125 -8.85 -11.93 6.92
CA HIS A 125 -9.90 -11.92 7.93
C HIS A 125 -11.00 -12.92 7.60
N VAL A 126 -11.22 -13.22 6.32
CA VAL A 126 -12.22 -14.22 5.97
C VAL A 126 -11.75 -15.59 6.41
N ALA A 127 -10.47 -15.89 6.22
CA ALA A 127 -9.94 -17.20 6.62
C ALA A 127 -9.93 -17.39 8.14
N SER A 128 -9.84 -16.31 8.90
CA SER A 128 -9.92 -16.39 10.35
C SER A 128 -11.35 -16.37 10.89
N GLY A 129 -12.34 -16.12 10.05
CA GLY A 129 -13.72 -16.00 10.49
C GLY A 129 -14.11 -14.63 11.00
N ALA A 130 -13.23 -13.64 10.96
CA ALA A 130 -13.56 -12.31 11.44
C ALA A 130 -14.48 -11.57 10.46
N ILE A 131 -14.38 -11.87 9.16
CA ILE A 131 -15.27 -11.35 8.14
C ILE A 131 -16.02 -12.52 7.52
N THR A 132 -17.34 -12.38 7.41
CA THR A 132 -18.16 -13.46 6.87
C THR A 132 -18.05 -13.51 5.35
N ALA A 133 -18.42 -14.68 4.79
CA ALA A 133 -18.49 -14.80 3.34
C ALA A 133 -19.39 -13.74 2.72
N ALA A 134 -20.54 -13.44 3.35
CA ALA A 134 -21.46 -12.46 2.77
C ALA A 134 -20.88 -11.05 2.84
N GLN A 135 -20.18 -10.73 3.93
CA GLN A 135 -19.47 -9.46 4.01
C GLN A 135 -18.41 -9.38 2.92
N GLN A 136 -17.67 -10.46 2.71
CA GLN A 136 -16.66 -10.43 1.65
C GLN A 136 -17.29 -10.20 0.27
N ARG A 137 -18.42 -10.86 -0.03
CA ARG A 137 -19.06 -10.62 -1.31
C ARG A 137 -19.46 -9.15 -1.50
N ALA A 138 -19.97 -8.51 -0.43
CA ALA A 138 -20.33 -7.10 -0.53
C ALA A 138 -19.10 -6.23 -0.74
N TYR A 139 -18.03 -6.53 0.01
CA TYR A 139 -16.75 -5.83 -0.20
C TYR A 139 -16.29 -5.95 -1.65
N THR A 140 -16.36 -7.16 -2.21
CA THR A 140 -15.86 -7.39 -3.55
C THR A 140 -16.65 -6.59 -4.58
N GLU A 141 -17.96 -6.48 -4.39
N GLU A 141 -17.96 -6.44 -4.38
CA GLU A 141 -18.80 -5.68 -5.30
CA GLU A 141 -18.75 -5.68 -5.34
C GLU A 141 -18.36 -4.22 -5.29
C GLU A 141 -18.45 -4.19 -5.29
N VAL A 142 -18.21 -3.65 -4.10
CA VAL A 142 -17.81 -2.24 -4.00
C VAL A 142 -16.39 -2.04 -4.50
N SER A 143 -15.49 -2.96 -4.12
CA SER A 143 -14.10 -2.88 -4.57
C SER A 143 -14.02 -2.86 -6.09
N GLY A 144 -14.82 -3.71 -6.76
CA GLY A 144 -14.79 -3.74 -8.21
C GLY A 144 -15.20 -2.43 -8.84
N GLU A 145 -16.23 -1.78 -8.27
CA GLU A 145 -16.66 -0.50 -8.80
C GLU A 145 -15.62 0.59 -8.53
N LEU A 146 -15.04 0.58 -7.33
CA LEU A 146 -14.05 1.62 -7.00
C LEU A 146 -12.79 1.46 -7.85
N ASN A 147 -12.25 0.25 -7.90
CA ASN A 147 -11.00 0.04 -8.60
C ASN A 147 -11.12 0.29 -10.08
N ALA A 148 -12.33 0.17 -10.64
CA ALA A 148 -12.52 0.44 -12.05
C ALA A 148 -12.31 1.90 -12.40
N ARG A 149 -12.26 2.79 -11.41
N ARG A 149 -12.28 2.80 -11.41
CA ARG A 149 -12.11 4.22 -11.62
CA ARG A 149 -12.10 4.22 -11.65
C ARG A 149 -10.72 4.72 -11.29
C ARG A 149 -10.67 4.69 -11.43
N ILE A 150 -9.79 3.82 -10.97
CA ILE A 150 -8.42 4.17 -10.61
C ILE A 150 -7.48 3.48 -11.58
N PRO A 151 -6.52 4.19 -12.18
CA PRO A 151 -5.60 3.52 -13.10
C PRO A 151 -4.68 2.55 -12.36
N ASN A 152 -4.28 1.50 -13.06
CA ASN A 152 -3.26 0.61 -12.51
C ASN A 152 -2.02 1.43 -12.18
N PRO A 153 -1.26 1.05 -11.16
CA PRO A 153 0.03 1.72 -10.95
C PRO A 153 0.90 1.58 -12.19
N ASP A 154 1.77 2.57 -12.36
CA ASP A 154 2.68 2.56 -13.49
C ASP A 154 3.94 1.74 -13.19
N LEU A 155 4.34 1.72 -11.94
CA LEU A 155 5.54 1.01 -11.52
C LEU A 155 5.22 0.37 -10.17
N ILE A 156 5.34 -0.95 -10.10
CA ILE A 156 5.09 -1.71 -8.88
C ILE A 156 6.40 -2.35 -8.45
N VAL A 157 6.80 -2.11 -7.22
CA VAL A 157 8.06 -2.61 -6.68
C VAL A 157 7.74 -3.72 -5.69
N LEU A 158 8.14 -4.95 -5.99
CA LEU A 158 7.91 -6.06 -5.06
C LEU A 158 9.00 -6.04 -4.00
N MET A 159 8.60 -5.89 -2.73
CA MET A 159 9.49 -5.91 -1.57
C MET A 159 8.70 -6.55 -0.44
N ASN A 160 8.95 -7.82 -0.21
CA ASN A 160 8.33 -8.50 0.91
C ASN A 160 9.41 -8.84 1.94
N PRO A 161 9.57 -8.05 3.00
CA PRO A 161 10.52 -8.40 4.05
C PRO A 161 10.10 -9.68 4.75
N GLU A 162 11.08 -10.39 5.31
CA GLU A 162 10.77 -11.61 6.04
C GLU A 162 10.12 -11.27 7.39
N PRO A 163 9.27 -12.17 7.90
CA PRO A 163 8.50 -11.83 9.11
C PRO A 163 9.37 -11.52 10.30
N GLU A 164 10.50 -12.22 10.46
CA GLU A 164 11.36 -11.96 11.61
C GLU A 164 11.91 -10.54 11.59
N LEU A 165 12.20 -10.01 10.40
CA LEU A 165 12.65 -8.63 10.28
C LEU A 165 11.52 -7.64 10.58
N SER A 166 10.34 -7.86 9.98
CA SER A 166 9.18 -7.03 10.30
C SER A 166 8.95 -6.97 11.80
N LEU A 167 9.02 -8.13 12.46
CA LEU A 167 8.71 -8.20 13.87
C LEU A 167 9.79 -7.53 14.71
N GLU A 168 11.06 -7.66 14.30
CA GLU A 168 12.12 -6.96 15.02
C GLU A 168 11.93 -5.45 14.94
N ARG A 169 11.59 -4.95 13.76
CA ARG A 169 11.35 -3.51 13.60
C ARG A 169 10.13 -3.05 14.40
N LEU A 170 9.05 -3.83 14.35
CA LEU A 170 7.85 -3.48 15.13
C LEU A 170 8.14 -3.46 16.62
N ALA A 171 8.84 -4.47 17.12
CA ALA A 171 9.13 -4.54 18.54
C ALA A 171 9.91 -3.32 19.01
N ARG A 172 10.88 -2.88 18.22
CA ARG A 172 11.68 -1.71 18.58
C ARG A 172 10.82 -0.45 18.56
N ALA A 173 9.96 -0.31 17.54
CA ALA A 173 9.11 0.87 17.43
C ALA A 173 8.13 0.95 18.58
N GLU A 174 7.52 -0.18 18.95
CA GLU A 174 6.61 -0.19 20.08
C GLU A 174 7.35 0.13 21.37
N ALA A 175 8.54 -0.45 21.56
CA ALA A 175 9.29 -0.23 22.79
C ALA A 175 9.69 1.24 22.94
N GLU A 176 10.06 1.88 21.84
CA GLU A 176 10.51 3.26 21.89
C GLU A 176 9.38 4.27 21.75
N GLY A 177 8.13 3.81 21.69
CA GLY A 177 7.01 4.72 21.62
C GLY A 177 6.76 5.35 20.28
N SER A 178 7.50 4.95 19.24
CA SER A 178 7.31 5.55 17.93
C SER A 178 6.07 5.03 17.21
N ARG A 179 5.47 3.95 17.70
CA ARG A 179 4.14 3.58 17.24
C ARG A 179 3.42 2.83 18.35
N PRO A 180 2.10 2.97 18.44
CA PRO A 180 1.36 2.29 19.50
C PRO A 180 1.36 0.79 19.27
N ARG A 181 1.16 0.04 20.36
CA ARG A 181 0.93 -1.40 20.27
C ARG A 181 -0.47 -1.61 19.73
N GLU A 182 -0.58 -2.01 18.47
CA GLU A 182 -1.90 -2.06 17.88
C GLU A 182 -2.52 -3.46 17.94
N PHE A 183 -1.80 -4.43 18.48
CA PHE A 183 -2.31 -5.79 18.58
C PHE A 183 -2.63 -6.14 20.03
N PRO A 184 -3.52 -7.11 20.26
CA PRO A 184 -3.98 -7.39 21.63
C PRO A 184 -3.05 -8.29 22.43
N SER A 185 -2.03 -8.86 21.79
CA SER A 185 -1.07 -9.73 22.46
C SER A 185 0.15 -9.84 21.56
N ASP A 186 1.29 -10.21 22.16
CA ASP A 186 2.48 -10.43 21.35
C ASP A 186 2.23 -11.53 20.32
N ALA A 187 1.53 -12.60 20.72
CA ALA A 187 1.27 -13.72 19.82
C ALA A 187 0.39 -13.30 18.65
N ALA A 188 -0.62 -12.47 18.91
CA ALA A 188 -1.50 -12.00 17.83
C ALA A 188 -0.73 -11.13 16.84
N LYS A 189 0.13 -10.24 17.33
CA LYS A 189 1.01 -9.48 16.45
C LYS A 189 1.83 -10.42 15.54
N ARG A 190 2.50 -11.41 16.14
CA ARG A 190 3.33 -12.30 15.33
C ARG A 190 2.48 -13.09 14.33
N ALA A 191 1.29 -13.51 14.75
CA ALA A 191 0.46 -14.33 13.87
C ALA A 191 -0.07 -13.52 12.69
N TRP A 192 -0.54 -12.29 12.91
CA TRP A 192 -1.00 -11.49 11.77
C TRP A 192 0.15 -11.21 10.82
N VAL A 193 1.31 -10.88 11.35
CA VAL A 193 2.45 -10.56 10.49
C VAL A 193 2.84 -11.76 9.64
N HIS A 194 2.82 -12.96 10.23
CA HIS A 194 3.13 -14.17 9.46
C HIS A 194 2.04 -14.48 8.44
N ARG A 195 0.76 -14.31 8.82
CA ARG A 195 -0.31 -14.55 7.86
C ARG A 195 -0.20 -13.61 6.66
N TRP A 196 0.10 -12.34 6.93
CA TRP A 196 0.25 -11.38 5.84
C TRP A 196 1.44 -11.72 4.95
N TYR A 197 2.56 -12.11 5.56
CA TYR A 197 3.74 -12.49 4.77
C TYR A 197 3.42 -13.67 3.87
N ASP A 198 2.74 -14.69 4.39
CA ASP A 198 2.40 -15.86 3.60
C ASP A 198 1.49 -15.49 2.44
N LEU A 199 0.50 -14.64 2.69
CA LEU A 199 -0.40 -14.24 1.62
C LEU A 199 0.34 -13.43 0.57
N TYR A 200 1.33 -12.63 1.02
CA TYR A 200 2.06 -11.78 0.08
C TYR A 200 2.98 -12.60 -0.82
N GLN A 201 3.51 -13.71 -0.32
CA GLN A 201 4.27 -14.61 -1.20
C GLN A 201 3.40 -15.11 -2.34
N GLU A 202 2.15 -15.47 -2.04
CA GLU A 202 1.22 -15.89 -3.10
C GLU A 202 0.84 -14.71 -3.99
N LEU A 203 0.57 -13.56 -3.39
CA LEU A 203 0.21 -12.38 -4.17
C LEU A 203 1.32 -12.01 -5.15
N HIS A 204 2.58 -12.18 -4.75
CA HIS A 204 3.69 -11.79 -5.62
C HIS A 204 3.88 -12.79 -6.75
N ASP A 205 3.67 -14.09 -6.49
CA ASP A 205 3.59 -15.04 -7.60
C ASP A 205 2.50 -14.64 -8.58
N ASP A 206 1.34 -14.23 -8.07
CA ASP A 206 0.26 -13.80 -8.95
C ASP A 206 0.69 -12.59 -9.78
N TYR A 207 1.42 -11.65 -9.16
CA TYR A 207 1.84 -10.43 -9.85
C TYR A 207 2.71 -10.76 -11.05
N ARG A 208 3.59 -11.75 -10.89
CA ARG A 208 4.49 -12.09 -11.98
C ARG A 208 3.72 -12.64 -13.17
N ARG A 209 2.62 -13.35 -12.91
CA ARG A 209 1.75 -13.77 -14.00
C ARG A 209 0.92 -12.61 -14.53
N ARG A 210 0.33 -11.78 -13.63
CA ARG A 210 -0.51 -10.66 -14.04
C ARG A 210 0.20 -9.74 -15.01
N ALA A 211 1.47 -9.47 -14.74
CA ALA A 211 2.22 -8.47 -15.48
C ALA A 211 2.53 -8.92 -16.90
N VAL A 212 2.54 -10.23 -17.14
CA VAL A 212 2.92 -10.79 -18.43
C VAL A 212 1.70 -11.18 -19.25
N ASP A 213 0.69 -11.84 -18.65
CA ASP A 213 -0.49 -12.07 -19.46
C ASP A 213 -1.79 -11.93 -18.68
N GLY A 214 -1.82 -11.00 -17.72
CA GLY A 214 -3.07 -10.60 -17.09
C GLY A 214 -3.30 -9.11 -17.24
N ASP A 215 -3.92 -8.49 -16.24
CA ASP A 215 -4.37 -7.11 -16.38
C ASP A 215 -3.29 -6.07 -16.10
N LEU A 216 -2.05 -6.48 -15.82
CA LEU A 216 -0.97 -5.53 -15.55
C LEU A 216 0.02 -5.48 -16.70
N ARG A 217 -0.37 -5.99 -17.86
CA ARG A 217 0.31 -5.59 -19.06
C ARG A 217 0.13 -4.08 -19.15
N GLY A 218 1.19 -3.40 -19.43
CA GLY A 218 1.18 -1.97 -19.41
C GLY A 218 1.85 -1.37 -18.20
N THR A 219 2.09 -2.17 -17.16
CA THR A 219 2.75 -1.73 -15.93
C THR A 219 4.16 -2.29 -15.86
N GLU A 220 5.11 -1.50 -15.35
CA GLU A 220 6.45 -2.01 -15.07
C GLU A 220 6.47 -2.68 -13.70
N LEU A 221 6.81 -3.97 -13.67
CA LEU A 221 6.97 -4.71 -12.42
C LEU A 221 8.46 -4.84 -12.12
N LEU A 222 8.88 -4.29 -10.98
CA LEU A 222 10.27 -4.25 -10.57
C LEU A 222 10.47 -5.20 -9.39
N GLU A 223 11.36 -6.16 -9.55
CA GLU A 223 11.75 -7.07 -8.49
C GLU A 223 13.18 -6.78 -8.07
N LEU A 224 13.40 -6.75 -6.76
CA LEU A 224 14.69 -6.37 -6.22
C LEU A 224 15.53 -7.62 -5.96
N ASP A 225 16.82 -7.42 -5.76
CA ASP A 225 17.69 -8.51 -5.30
C ASP A 225 17.72 -8.43 -3.77
N ALA A 226 17.12 -9.42 -3.11
CA ALA A 226 17.00 -9.36 -1.65
C ALA A 226 18.36 -9.34 -0.97
N ALA A 227 19.39 -9.87 -1.64
CA ALA A 227 20.76 -9.81 -1.14
C ALA A 227 21.40 -8.44 -1.36
N ALA A 228 20.79 -7.59 -2.19
CA ALA A 228 21.35 -6.26 -2.42
C ALA A 228 21.23 -5.40 -1.17
N SER A 229 22.28 -4.60 -0.92
CA SER A 229 22.25 -3.68 0.21
C SER A 229 21.08 -2.73 0.04
N PRO A 230 20.63 -2.08 1.12
CA PRO A 230 19.58 -1.07 0.95
C PRO A 230 19.95 -0.03 -0.09
N GLU A 231 21.21 0.39 -0.12
CA GLU A 231 21.60 1.48 -1.01
C GLU A 231 21.45 1.10 -2.48
N GLU A 232 21.84 -0.12 -2.85
CA GLU A 232 21.54 -0.56 -4.20
C GLU A 232 20.03 -0.64 -4.46
N LYS A 233 19.21 -0.71 -3.40
CA LYS A 233 17.79 -0.93 -3.58
C LYS A 233 17.04 0.39 -3.85
N ILE A 234 17.29 1.44 -3.05
CA ILE A 234 16.69 2.74 -3.37
C ILE A 234 17.21 3.25 -4.71
N ALA A 235 18.50 3.04 -5.01
CA ALA A 235 19.03 3.52 -6.29
C ALA A 235 18.33 2.85 -7.46
N THR A 236 18.07 1.55 -7.36
CA THR A 236 17.38 0.83 -8.43
C THR A 236 15.96 1.36 -8.62
N VAL A 237 15.22 1.53 -7.53
CA VAL A 237 13.85 2.02 -7.64
C VAL A 237 13.83 3.46 -8.14
N THR A 238 14.78 4.28 -7.69
CA THR A 238 14.79 5.69 -8.09
C THR A 238 15.02 5.82 -9.58
N ALA A 239 15.94 5.01 -10.13
CA ALA A 239 16.21 5.07 -11.57
C ALA A 239 14.95 4.79 -12.39
N ARG A 240 14.19 3.77 -12.00
CA ARG A 240 13.02 3.41 -12.78
C ARG A 240 11.89 4.41 -12.61
N ALA A 241 11.72 4.97 -11.39
CA ALA A 241 10.70 5.99 -11.20
C ALA A 241 11.04 7.26 -11.96
N ARG A 242 12.31 7.60 -12.06
CA ARG A 242 12.67 8.85 -12.74
C ARG A 242 12.43 8.78 -14.23
N SER A 243 12.29 7.57 -14.79
CA SER A 243 11.91 7.45 -16.18
C SER A 243 10.55 8.07 -16.45
N LEU A 244 9.74 8.28 -15.41
CA LEU A 244 8.39 8.77 -15.60
C LEU A 244 8.26 10.28 -15.50
N VAL A 245 9.25 10.97 -14.92
CA VAL A 245 9.08 12.38 -14.62
C VAL A 245 9.21 13.20 -15.91
N VAL A 246 8.19 14.00 -16.20
CA VAL A 246 8.22 14.91 -17.33
C VAL A 246 8.52 16.30 -16.77
N GLY A 247 9.63 16.89 -17.22
CA GLY A 247 10.08 18.16 -16.69
C GLY A 247 9.10 19.30 -16.88
N1 TQR B . -3.23 -2.91 7.03
N3 TQR B . -6.01 -3.08 3.91
C4 TQR B . -2.32 -2.93 8.19
C5 TQR B . -0.09 -0.13 8.75
C6 TQR B . -4.35 -3.61 7.12
C7 TQR B . -5.01 -3.00 4.95
C8 TQR B . -3.74 -2.17 4.80
C1 TQR B . -0.77 -1.27 9.52
C2 TQR B . -0.11 -2.58 9.12
C3 TQR B . -0.83 -3.05 7.85
C9 TQR B . -2.93 -2.23 5.94
N2 TQR B . -5.32 -3.72 6.12
O1 TQR B . -0.35 -3.50 10.15
O2 TQR B . -0.48 -4.37 7.62
O3 TQR B . 0.69 0.61 9.65
O4 TQR B . -4.63 -4.32 8.25
S1 TQR B . -2.50 -1.35 9.05
#